data_5CAJ
#
_entry.id   5CAJ
#
_cell.length_a   45.664
_cell.length_b   77.060
_cell.length_c   184.161
_cell.angle_alpha   90.00
_cell.angle_beta   90.00
_cell.angle_gamma   90.00
#
_symmetry.space_group_name_H-M   'P 21 21 21'
#
loop_
_entity.id
_entity.type
_entity.pdbx_description
1 polymer 'UPF0246 protein YaaA'
2 non-polymer 'CHLORIDE ION'
3 non-polymer BENZAMIDINE
4 water water
#
_entity_poly.entity_id   1
_entity_poly.type   'polypeptide(L)'
_entity_poly.pdbx_seq_one_letter_code
;(MSE)GSSHHHHHHSSGLVPRGSH(MSE)LILISPAKTLDYQSPLTTTRYTLPELLDNSQQLIHEARKLTPPQISTL
(MSE)RISDKLAGINAARFHDWQPDFTPANARQAILAFKGDVYTGLQAETFSEDDFDFAQQHLR(MSE)LSGLYGVLRPL
DL(MSE)QPYRLE(MSE)GIRLENARGKDLYQFWGDIITNKLNEALAAQGDNVVINLASDEYFKSVKPKKLNAEIIKPVF
LDEKNGKFKIISFYAKKARGL(MSE)SRFIIENRLTKPEQLTGFNSEGYFFDEDSSSNGELVFKRYEQR
;
_entity_poly.pdbx_strand_id   A,B
#
# COMPACT_ATOMS: atom_id res chain seq x y z
N PRO A 16 -9.15 -5.52 1.59
CA PRO A 16 -8.76 -5.51 0.17
C PRO A 16 -9.97 -5.48 -0.75
N ARG A 17 -9.99 -4.56 -1.71
CA ARG A 17 -11.07 -4.50 -2.70
C ARG A 17 -11.18 -5.80 -3.49
N GLY A 18 -10.03 -6.31 -3.90
CA GLY A 18 -9.99 -7.43 -4.82
C GLY A 18 -10.40 -7.01 -6.21
N SER A 19 -10.33 -7.95 -7.13
CA SER A 19 -10.76 -7.66 -8.47
C SER A 19 -11.54 -8.86 -8.93
N HIS A 20 -12.05 -8.73 -10.14
CA HIS A 20 -12.87 -9.77 -10.74
C HIS A 20 -12.06 -10.76 -11.59
N LEU A 22 -8.29 -12.96 -11.52
CA LEU A 22 -7.04 -13.35 -10.91
C LEU A 22 -6.42 -14.48 -11.69
N ILE A 23 -5.15 -14.30 -12.04
CA ILE A 23 -4.36 -15.31 -12.74
C ILE A 23 -3.52 -16.07 -11.74
N LEU A 24 -3.51 -17.39 -11.82
CA LEU A 24 -2.59 -18.19 -11.01
C LEU A 24 -1.55 -18.86 -11.89
N ILE A 25 -0.28 -18.76 -11.49
CA ILE A 25 0.78 -19.52 -12.14
C ILE A 25 1.66 -20.27 -11.13
N SER A 26 2.39 -21.25 -11.65
CA SER A 26 3.40 -21.94 -10.86
C SER A 26 4.63 -21.10 -10.57
N PRO A 27 5.37 -21.46 -9.52
CA PRO A 27 6.69 -20.89 -9.28
C PRO A 27 7.71 -21.59 -10.16
N ALA A 28 8.97 -21.25 -9.98
CA ALA A 28 10.03 -21.89 -10.73
C ALA A 28 11.11 -22.37 -9.78
N LYS A 29 11.86 -23.37 -10.23
CA LYS A 29 12.96 -23.92 -9.45
C LYS A 29 14.23 -23.07 -9.56
N THR A 30 14.46 -22.46 -10.71
CA THR A 30 15.67 -21.66 -10.91
C THR A 30 15.39 -20.24 -10.45
N LEU A 31 16.33 -19.68 -9.69
CA LEU A 31 16.22 -18.35 -9.10
C LEU A 31 17.39 -17.48 -9.60
N ASP A 32 17.14 -16.19 -9.77
CA ASP A 32 18.12 -15.22 -10.26
C ASP A 32 18.15 -13.99 -9.35
N TYR A 33 19.24 -13.83 -8.61
CA TYR A 33 19.41 -12.67 -7.72
C TYR A 33 20.57 -11.79 -8.21
N GLN A 34 20.95 -11.92 -9.49
CA GLN A 34 22.09 -11.15 -10.02
C GLN A 34 21.78 -10.27 -11.22
N SER A 35 20.72 -10.57 -11.96
CA SER A 35 20.31 -9.72 -13.08
C SER A 35 19.82 -8.38 -12.60
N PRO A 36 19.91 -7.34 -13.46
CA PRO A 36 19.37 -6.03 -13.06
C PRO A 36 17.89 -6.09 -12.69
N LEU A 37 17.50 -5.33 -11.66
CA LEU A 37 16.11 -5.25 -11.26
C LEU A 37 15.31 -4.44 -12.27
N THR A 38 14.22 -5.01 -12.75
CA THR A 38 13.35 -4.34 -13.70
C THR A 38 12.48 -3.26 -13.02
N THR A 39 12.16 -3.48 -11.74
CA THR A 39 11.57 -2.47 -10.89
C THR A 39 12.20 -2.61 -9.51
N THR A 40 12.28 -1.51 -8.77
CA THR A 40 12.74 -1.55 -7.39
C THR A 40 11.60 -1.54 -6.37
N ARG A 41 10.36 -1.44 -6.86
CA ARG A 41 9.20 -1.41 -5.98
C ARG A 41 8.88 -2.82 -5.50
N TYR A 42 8.57 -2.92 -4.22
CA TYR A 42 8.30 -4.23 -3.63
C TYR A 42 7.29 -4.17 -2.50
N THR A 43 6.75 -5.35 -2.22
CA THR A 43 5.89 -5.60 -1.08
C THR A 43 6.47 -6.80 -0.31
N LEU A 44 5.79 -7.20 0.76
CA LEU A 44 6.25 -8.33 1.59
C LEU A 44 5.20 -9.43 1.57
N PRO A 45 5.63 -10.70 1.49
CA PRO A 45 4.68 -11.80 1.47
C PRO A 45 3.81 -11.81 2.71
N GLU A 46 2.60 -12.28 2.56
CA GLU A 46 1.61 -12.15 3.63
C GLU A 46 1.46 -13.40 4.49
N LEU A 47 2.14 -14.50 4.15
CA LEU A 47 1.98 -15.74 4.91
C LEU A 47 3.29 -16.22 5.58
N LEU A 48 4.16 -15.28 5.94
CA LEU A 48 5.46 -15.66 6.47
C LEU A 48 5.41 -16.37 7.83
N ASP A 49 4.40 -16.12 8.67
CA ASP A 49 4.27 -16.92 9.89
C ASP A 49 4.15 -18.40 9.53
N ASN A 50 3.39 -18.73 8.49
CA ASN A 50 3.32 -20.10 8.00
C ASN A 50 4.66 -20.55 7.42
N SER A 51 5.25 -19.71 6.57
CA SER A 51 6.55 -20.05 6.00
C SER A 51 7.59 -20.40 7.06
N GLN A 52 7.63 -19.61 8.14
N GLN A 52 7.62 -19.63 8.15
CA GLN A 52 8.58 -19.87 9.22
CA GLN A 52 8.56 -19.87 9.23
C GLN A 52 8.43 -21.29 9.78
C GLN A 52 8.42 -21.28 9.82
N GLN A 53 7.19 -21.77 9.90
CA GLN A 53 6.93 -23.12 10.40
C GLN A 53 7.53 -24.17 9.46
N LEU A 54 7.41 -23.95 8.15
CA LEU A 54 7.99 -24.86 7.18
C LEU A 54 9.52 -24.83 7.20
N ILE A 55 10.09 -23.64 7.37
CA ILE A 55 11.53 -23.52 7.48
C ILE A 55 12.04 -24.31 8.70
N HIS A 56 11.31 -24.25 9.81
CA HIS A 56 11.66 -24.98 11.02
C HIS A 56 11.78 -26.49 10.70
N GLU A 57 10.85 -27.01 9.90
CA GLU A 57 10.89 -28.43 9.54
C GLU A 57 11.99 -28.71 8.51
N ALA A 58 12.12 -27.83 7.53
CA ALA A 58 13.08 -28.03 6.46
C ALA A 58 14.52 -28.03 7.00
N ARG A 59 14.75 -27.24 8.04
CA ARG A 59 16.09 -27.13 8.63
C ARG A 59 16.55 -28.44 9.29
N LYS A 60 15.60 -29.31 9.61
CA LYS A 60 15.90 -30.59 10.23
C LYS A 60 16.53 -31.56 9.23
N LEU A 61 16.33 -31.32 7.94
CA LEU A 61 16.84 -32.24 6.92
C LEU A 61 18.36 -32.11 6.70
N THR A 62 19.06 -33.23 6.67
CA THR A 62 20.46 -33.22 6.27
C THR A 62 20.54 -33.05 4.76
N PRO A 63 21.73 -32.70 4.25
CA PRO A 63 21.84 -32.63 2.80
C PRO A 63 21.57 -33.96 2.09
N PRO A 64 22.08 -35.10 2.59
CA PRO A 64 21.68 -36.36 1.97
C PRO A 64 20.17 -36.61 1.93
N GLN A 65 19.45 -36.23 2.98
CA GLN A 65 18.01 -36.36 3.00
C GLN A 65 17.32 -35.45 1.98
N ILE A 66 17.83 -34.22 1.84
CA ILE A 66 17.33 -33.31 0.82
C ILE A 66 17.55 -33.90 -0.57
N SER A 67 18.75 -34.42 -0.83
CA SER A 67 19.03 -34.98 -2.17
C SER A 67 18.04 -36.11 -2.51
N THR A 68 17.73 -37.00 -1.56
CA THR A 68 16.83 -38.10 -1.91
C THR A 68 15.39 -37.64 -1.92
N LEU A 69 15.03 -36.77 -0.98
CA LEU A 69 13.64 -36.30 -0.92
C LEU A 69 13.26 -35.43 -2.11
N ARG A 71 15.14 -35.15 -4.93
CA ARG A 71 15.77 -35.73 -6.11
C ARG A 71 16.61 -34.73 -6.88
N ILE A 72 17.60 -34.25 -6.18
CA ILE A 72 18.54 -33.33 -6.72
C ILE A 72 19.96 -33.78 -6.37
N SER A 73 20.92 -33.17 -7.04
CA SER A 73 22.33 -33.46 -6.78
C SER A 73 22.78 -33.17 -5.35
N ASP A 74 23.85 -33.83 -4.91
CA ASP A 74 24.43 -33.51 -3.60
C ASP A 74 24.77 -32.05 -3.46
N LYS A 75 25.30 -31.48 -4.53
CA LYS A 75 25.70 -30.08 -4.49
C LYS A 75 24.48 -29.16 -4.32
N LEU A 76 23.45 -29.42 -5.10
CA LEU A 76 22.24 -28.59 -4.99
C LEU A 76 21.53 -28.83 -3.65
N ALA A 77 21.64 -30.04 -3.10
CA ALA A 77 21.06 -30.31 -1.77
C ALA A 77 21.78 -29.49 -0.71
N GLY A 78 23.11 -29.41 -0.82
CA GLY A 78 23.90 -28.59 0.08
C GLY A 78 23.53 -27.12 0.01
N ILE A 79 23.36 -26.63 -1.20
CA ILE A 79 22.98 -25.24 -1.44
C ILE A 79 21.65 -24.99 -0.76
N ASN A 80 20.72 -25.93 -0.92
CA ASN A 80 19.39 -25.75 -0.35
C ASN A 80 19.33 -25.94 1.17
N ALA A 81 20.18 -26.81 1.73
CA ALA A 81 20.33 -26.87 3.18
C ALA A 81 20.79 -25.52 3.72
N ALA A 82 21.72 -24.88 3.01
CA ALA A 82 22.23 -23.59 3.45
C ALA A 82 21.11 -22.53 3.34
N ARG A 83 20.35 -22.56 2.25
CA ARG A 83 19.23 -21.63 2.10
C ARG A 83 18.25 -21.77 3.25
N PHE A 84 17.95 -23.00 3.68
CA PHE A 84 16.99 -23.15 4.78
C PHE A 84 17.57 -22.62 6.09
N HIS A 85 18.87 -22.88 6.31
CA HIS A 85 19.58 -22.39 7.50
C HIS A 85 19.66 -20.86 7.53
N ASP A 86 19.84 -20.26 6.35
CA ASP A 86 20.10 -18.83 6.22
C ASP A 86 18.83 -17.98 6.23
N TRP A 87 17.70 -18.62 5.96
CA TRP A 87 16.43 -17.93 5.78
C TRP A 87 16.02 -17.23 7.07
N GLN A 88 15.56 -15.99 6.95
CA GLN A 88 15.01 -15.29 8.11
C GLN A 88 14.04 -14.25 7.55
N PRO A 89 12.97 -13.95 8.30
CA PRO A 89 11.78 -13.31 7.70
C PRO A 89 11.83 -11.79 7.51
N ASP A 90 12.92 -11.15 7.92
CA ASP A 90 13.10 -9.73 7.70
C ASP A 90 13.65 -9.52 6.31
N PHE A 91 12.76 -9.48 5.33
CA PHE A 91 13.15 -9.40 3.94
C PHE A 91 13.43 -7.97 3.52
N THR A 92 14.55 -7.78 2.83
CA THR A 92 14.92 -6.49 2.24
C THR A 92 15.51 -6.71 0.85
N PRO A 93 15.67 -5.63 0.07
CA PRO A 93 16.33 -5.79 -1.24
C PRO A 93 17.75 -6.31 -1.14
N ALA A 94 18.40 -6.18 0.00
CA ALA A 94 19.74 -6.72 0.14
C ALA A 94 19.76 -8.21 0.31
N ASN A 95 18.66 -8.83 0.78
CA ASN A 95 18.66 -10.27 1.02
C ASN A 95 17.55 -11.03 0.29
N ALA A 96 16.78 -10.32 -0.52
CA ALA A 96 15.62 -10.89 -1.19
C ALA A 96 15.33 -10.17 -2.51
N ARG A 97 14.38 -10.71 -3.27
CA ARG A 97 14.01 -10.16 -4.58
C ARG A 97 12.54 -10.41 -4.86
N GLN A 98 11.89 -9.49 -5.56
CA GLN A 98 10.48 -9.67 -5.93
C GLN A 98 10.31 -10.99 -6.69
N ALA A 99 9.28 -11.73 -6.32
CA ALA A 99 9.02 -13.05 -6.89
C ALA A 99 8.95 -13.03 -8.40
N ILE A 100 8.28 -12.04 -8.99
CA ILE A 100 8.12 -12.04 -10.45
C ILE A 100 9.45 -11.84 -11.18
N LEU A 101 10.43 -11.26 -10.48
CA LEU A 101 11.78 -11.09 -11.03
C LEU A 101 12.73 -12.25 -10.69
N ALA A 102 12.54 -12.87 -9.53
CA ALA A 102 13.48 -13.90 -9.05
C ALA A 102 13.30 -15.23 -9.79
N PHE A 103 12.05 -15.58 -10.11
CA PHE A 103 11.78 -16.86 -10.74
C PHE A 103 12.23 -16.88 -12.20
N LYS A 104 12.89 -17.96 -12.60
CA LYS A 104 13.32 -18.16 -13.98
C LYS A 104 12.98 -19.55 -14.45
N GLY A 105 12.56 -19.65 -15.69
CA GLY A 105 12.19 -20.94 -16.24
C GLY A 105 11.18 -20.72 -17.33
N ASP A 106 10.67 -21.80 -17.88
CA ASP A 106 9.85 -21.70 -19.07
C ASP A 106 8.65 -20.77 -18.86
N VAL A 107 7.90 -20.90 -17.75
CA VAL A 107 6.72 -20.01 -17.54
C VAL A 107 7.18 -18.54 -17.58
N TYR A 108 8.29 -18.28 -16.90
CA TYR A 108 8.80 -16.92 -16.76
C TYR A 108 9.49 -16.44 -18.05
N THR A 109 9.95 -17.36 -18.89
CA THR A 109 10.43 -16.96 -20.21
C THR A 109 9.29 -16.46 -21.07
N GLY A 110 8.13 -17.12 -20.95
CA GLY A 110 6.95 -16.68 -21.67
C GLY A 110 6.41 -15.37 -21.15
N LEU A 111 6.41 -15.22 -19.83
CA LEU A 111 5.90 -14.02 -19.17
C LEU A 111 6.74 -12.78 -19.51
N GLN A 112 8.06 -12.99 -19.51
CA GLN A 112 9.05 -11.96 -19.87
C GLN A 112 8.85 -10.66 -19.10
N ALA A 113 8.87 -10.77 -17.76
CA ALA A 113 8.62 -9.64 -16.92
C ALA A 113 9.70 -8.57 -17.07
N GLU A 114 10.85 -8.93 -17.62
CA GLU A 114 11.93 -7.95 -17.78
C GLU A 114 11.59 -6.86 -18.80
N THR A 115 10.50 -7.03 -19.55
CA THR A 115 10.06 -5.93 -20.44
C THR A 115 8.83 -5.21 -19.89
N PHE A 116 8.43 -5.50 -18.65
CA PHE A 116 7.26 -4.84 -18.05
C PHE A 116 7.58 -3.39 -17.63
N SER A 117 6.62 -2.49 -17.88
CA SER A 117 6.62 -1.15 -17.36
C SER A 117 6.13 -1.16 -15.92
N GLU A 118 6.30 -0.05 -15.23
CA GLU A 118 5.78 0.06 -13.87
C GLU A 118 4.26 -0.14 -13.86
N ASP A 119 3.53 0.39 -14.87
CA ASP A 119 2.08 0.16 -14.97
C ASP A 119 1.75 -1.32 -15.18
N ASP A 120 2.56 -2.02 -16.00
CA ASP A 120 2.40 -3.47 -16.16
C ASP A 120 2.55 -4.18 -14.81
N PHE A 121 3.58 -3.80 -14.04
CA PHE A 121 3.74 -4.40 -12.75
C PHE A 121 2.57 -4.12 -11.82
N ASP A 122 2.01 -2.91 -11.91
CA ASP A 122 0.85 -2.60 -11.08
C ASP A 122 -0.36 -3.47 -11.47
N PHE A 123 -0.57 -3.68 -12.76
CA PHE A 123 -1.66 -4.55 -13.19
C PHE A 123 -1.40 -5.98 -12.72
N ALA A 124 -0.17 -6.45 -12.88
CA ALA A 124 0.17 -7.78 -12.40
C ALA A 124 -0.01 -7.90 -10.90
N GLN A 125 0.40 -6.88 -10.15
CA GLN A 125 0.26 -6.95 -8.70
C GLN A 125 -1.21 -7.09 -8.29
N GLN A 126 -2.11 -6.49 -9.06
CA GLN A 126 -3.54 -6.62 -8.81
C GLN A 126 -4.13 -7.97 -9.24
N HIS A 127 -3.63 -8.56 -10.32
CA HIS A 127 -4.30 -9.66 -11.03
C HIS A 127 -3.55 -10.97 -11.14
N LEU A 128 -2.31 -11.03 -10.66
CA LEU A 128 -1.50 -12.25 -10.81
C LEU A 128 -1.02 -12.72 -9.45
N ARG A 129 -1.02 -14.03 -9.25
CA ARG A 129 -0.50 -14.65 -8.03
C ARG A 129 0.32 -15.86 -8.42
N LEU A 131 1.69 -19.44 -6.91
CA LEU A 131 1.55 -20.42 -5.82
C LEU A 131 2.97 -20.85 -5.42
N SER A 132 3.14 -21.31 -4.19
CA SER A 132 4.47 -21.59 -3.67
C SER A 132 4.42 -22.56 -2.50
N GLY A 133 5.26 -23.60 -2.50
CA GLY A 133 5.26 -24.55 -1.40
C GLY A 133 5.62 -23.90 -0.09
N LEU A 134 6.59 -22.98 -0.14
CA LEU A 134 7.09 -22.29 1.05
C LEU A 134 6.26 -21.06 1.43
N TYR A 135 5.93 -20.23 0.44
CA TYR A 135 5.29 -18.93 0.71
C TYR A 135 3.77 -18.99 0.58
N GLY A 136 3.25 -20.09 0.06
CA GLY A 136 1.83 -20.26 -0.15
C GLY A 136 1.29 -19.51 -1.35
N VAL A 137 1.18 -18.18 -1.19
CA VAL A 137 0.74 -17.28 -2.24
C VAL A 137 1.69 -16.11 -2.25
N LEU A 138 2.24 -15.84 -3.43
CA LEU A 138 3.09 -14.67 -3.67
C LEU A 138 2.45 -13.71 -4.62
N ARG A 139 2.51 -12.43 -4.28
CA ARG A 139 2.23 -11.34 -5.21
C ARG A 139 3.49 -11.11 -6.03
N PRO A 140 3.33 -10.59 -7.26
CA PRO A 140 4.45 -10.35 -8.15
C PRO A 140 5.55 -9.54 -7.48
N LEU A 141 5.18 -8.51 -6.71
CA LEU A 141 6.18 -7.64 -6.11
C LEU A 141 6.63 -8.09 -4.71
N ASP A 142 6.15 -9.23 -4.22
CA ASP A 142 6.56 -9.70 -2.89
C ASP A 142 8.01 -10.13 -2.92
N LEU A 143 8.81 -9.56 -2.02
CA LEU A 143 10.19 -10.03 -1.81
C LEU A 143 10.19 -11.49 -1.39
N GLN A 145 13.14 -14.70 -0.20
CA GLN A 145 14.47 -15.28 -0.04
C GLN A 145 14.47 -16.64 -0.73
N PRO A 146 15.64 -17.08 -1.14
CA PRO A 146 15.74 -18.25 -2.01
C PRO A 146 15.42 -19.54 -1.27
N TYR A 147 14.86 -20.49 -2.01
CA TYR A 147 14.39 -21.75 -1.46
C TYR A 147 14.13 -22.74 -2.58
N ARG A 148 14.07 -24.01 -2.22
CA ARG A 148 13.47 -25.05 -3.05
C ARG A 148 12.55 -25.86 -2.17
N LEU A 149 11.25 -25.78 -2.43
CA LEU A 149 10.29 -26.55 -1.68
C LEU A 149 9.06 -26.69 -2.57
N GLU A 150 9.03 -27.74 -3.40
N GLU A 150 9.05 -27.74 -3.39
CA GLU A 150 7.94 -27.90 -4.37
CA GLU A 150 7.95 -27.93 -4.33
C GLU A 150 6.68 -28.37 -3.65
C GLU A 150 6.67 -28.26 -3.56
N GLY A 152 4.39 -30.45 -4.01
CA GLY A 152 4.11 -31.87 -3.91
C GLY A 152 5.07 -32.65 -3.03
N ILE A 153 6.04 -31.97 -2.43
CA ILE A 153 7.02 -32.62 -1.54
C ILE A 153 6.38 -33.16 -0.27
N ARG A 154 6.77 -34.38 0.11
CA ARG A 154 6.25 -34.94 1.33
C ARG A 154 7.05 -34.52 2.54
N LEU A 155 6.84 -33.27 2.97
CA LEU A 155 7.47 -32.72 4.17
C LEU A 155 6.53 -32.77 5.35
N GLU A 156 6.85 -33.60 6.35
CA GLU A 156 6.02 -33.72 7.54
C GLU A 156 6.02 -32.42 8.35
N ASN A 157 4.89 -32.13 8.98
CA ASN A 157 4.75 -30.87 9.68
C ASN A 157 3.69 -30.99 10.76
N ALA A 158 3.51 -29.94 11.53
CA ALA A 158 2.58 -30.00 12.66
C ALA A 158 1.16 -30.36 12.23
N ARG A 159 0.79 -30.03 10.99
CA ARG A 159 -0.60 -30.20 10.55
C ARG A 159 -0.84 -31.43 9.69
N GLY A 160 0.18 -32.20 9.37
CA GLY A 160 0.00 -33.33 8.50
C GLY A 160 1.28 -33.88 7.89
N LYS A 161 1.15 -34.76 6.89
CA LYS A 161 2.31 -35.46 6.34
C LYS A 161 2.85 -34.81 5.06
N ASP A 162 2.11 -33.85 4.51
CA ASP A 162 2.57 -33.14 3.31
C ASP A 162 2.12 -31.68 3.30
N LEU A 163 2.48 -30.94 2.23
CA LEU A 163 2.20 -29.50 2.22
C LEU A 163 0.75 -29.18 1.87
N TYR A 164 0.03 -30.11 1.22
CA TYR A 164 -1.39 -29.89 0.99
C TYR A 164 -2.11 -29.86 2.33
N GLN A 165 -1.76 -30.79 3.22
CA GLN A 165 -2.36 -30.82 4.55
C GLN A 165 -1.95 -29.60 5.37
N PHE A 166 -0.69 -29.21 5.26
CA PHE A 166 -0.23 -28.00 5.95
C PHE A 166 -1.01 -26.75 5.54
N TRP A 167 -1.07 -26.49 4.25
CA TRP A 167 -1.69 -25.25 3.80
C TRP A 167 -3.21 -25.28 3.94
N GLY A 168 -3.82 -26.47 3.89
CA GLY A 168 -5.27 -26.57 4.07
C GLY A 168 -6.02 -25.58 3.20
N ASP A 169 -6.89 -24.78 3.84
CA ASP A 169 -7.66 -23.75 3.17
C ASP A 169 -6.98 -22.38 3.12
N ILE A 170 -5.81 -22.26 3.73
CA ILE A 170 -5.13 -20.97 3.84
C ILE A 170 -4.88 -20.30 2.49
N ILE A 171 -4.36 -21.06 1.53
CA ILE A 171 -4.07 -20.53 0.22
C ILE A 171 -5.36 -20.04 -0.46
N THR A 172 -6.42 -20.85 -0.42
CA THR A 172 -7.68 -20.45 -1.01
C THR A 172 -8.22 -19.20 -0.34
N ASN A 173 -8.17 -19.14 0.98
CA ASN A 173 -8.65 -17.96 1.72
C ASN A 173 -7.86 -16.70 1.31
N LYS A 174 -6.55 -16.84 1.12
CA LYS A 174 -5.73 -15.70 0.71
C LYS A 174 -6.08 -15.25 -0.70
N LEU A 175 -6.35 -16.19 -1.61
CA LEU A 175 -6.80 -15.83 -2.94
C LEU A 175 -8.16 -15.13 -2.89
N ASN A 176 -9.06 -15.61 -2.03
CA ASN A 176 -10.37 -14.98 -1.89
C ASN A 176 -10.24 -13.52 -1.43
N GLU A 177 -9.22 -13.21 -0.64
CA GLU A 177 -8.98 -11.83 -0.23
C GLU A 177 -8.70 -10.92 -1.42
N ALA A 178 -8.14 -11.49 -2.48
CA ALA A 178 -7.80 -10.72 -3.67
C ALA A 178 -8.93 -10.72 -4.70
N LEU A 179 -10.07 -11.32 -4.34
CA LEU A 179 -11.20 -11.36 -5.25
C LEU A 179 -12.28 -10.44 -4.73
N ALA A 180 -13.09 -9.91 -5.65
CA ALA A 180 -14.15 -8.99 -5.27
C ALA A 180 -15.19 -9.70 -4.41
N ALA A 181 -15.74 -9.00 -3.44
CA ALA A 181 -16.64 -9.65 -2.49
C ALA A 181 -17.94 -10.17 -3.12
N GLN A 182 -18.45 -9.41 -4.09
N GLN A 182 -18.42 -9.48 -4.17
CA GLN A 182 -19.59 -9.81 -4.89
CA GLN A 182 -19.80 -9.68 -4.65
C GLN A 182 -19.32 -9.53 -6.37
C GLN A 182 -20.02 -10.31 -6.06
N GLY A 183 -20.22 -10.00 -7.21
N GLY A 183 -19.53 -9.67 -7.12
CA GLY A 183 -20.07 -9.89 -8.64
CA GLY A 183 -19.96 -9.96 -8.48
C GLY A 183 -19.34 -11.11 -9.18
C GLY A 183 -19.31 -11.16 -9.16
N ASP A 184 -19.37 -11.22 -10.49
CA ASP A 184 -18.79 -12.34 -11.18
C ASP A 184 -17.29 -12.18 -11.12
N ASN A 185 -16.64 -13.17 -10.49
CA ASN A 185 -15.18 -13.25 -10.48
C ASN A 185 -14.74 -14.42 -11.33
N VAL A 186 -13.52 -14.29 -11.86
N VAL A 186 -13.55 -14.31 -11.92
CA VAL A 186 -12.87 -15.37 -12.57
CA VAL A 186 -12.92 -15.46 -12.56
C VAL A 186 -11.45 -15.59 -12.05
C VAL A 186 -11.48 -15.61 -12.10
N VAL A 187 -11.12 -16.86 -11.83
CA VAL A 187 -9.74 -17.24 -11.54
C VAL A 187 -9.26 -17.99 -12.76
N ILE A 188 -8.18 -17.50 -13.34
N ILE A 188 -8.18 -17.51 -13.35
CA ILE A 188 -7.60 -18.10 -14.53
CA ILE A 188 -7.59 -18.10 -14.53
C ILE A 188 -6.48 -19.01 -14.08
C ILE A 188 -6.48 -19.01 -14.08
N ASN A 189 -6.74 -20.32 -14.13
CA ASN A 189 -5.76 -21.29 -13.65
C ASN A 189 -4.74 -21.60 -14.72
N LEU A 190 -3.56 -20.97 -14.62
CA LEU A 190 -2.46 -21.18 -15.52
C LEU A 190 -1.29 -21.84 -14.79
N ALA A 191 -1.62 -22.54 -13.71
CA ALA A 191 -0.64 -23.25 -12.88
C ALA A 191 -0.64 -24.74 -13.22
N SER A 192 0.43 -25.43 -12.86
CA SER A 192 0.46 -26.88 -12.97
C SER A 192 -0.46 -27.53 -11.93
N ASP A 193 -0.86 -28.76 -12.18
CA ASP A 193 -1.78 -29.43 -11.26
C ASP A 193 -1.15 -29.58 -9.88
N GLU A 194 0.17 -29.77 -9.84
CA GLU A 194 0.86 -29.91 -8.57
C GLU A 194 0.57 -28.70 -7.66
N TYR A 195 0.50 -27.53 -8.26
CA TYR A 195 0.28 -26.29 -7.52
C TYR A 195 -1.22 -26.00 -7.37
N PHE A 196 -2.00 -26.21 -8.43
CA PHE A 196 -3.43 -25.90 -8.30
C PHE A 196 -4.13 -26.83 -7.32
N LYS A 197 -3.56 -28.01 -7.05
CA LYS A 197 -4.11 -28.92 -6.06
C LYS A 197 -4.16 -28.29 -4.65
N SER A 198 -3.37 -27.24 -4.44
CA SER A 198 -3.38 -26.52 -3.16
C SER A 198 -4.53 -25.53 -3.01
N VAL A 199 -5.29 -25.35 -4.08
CA VAL A 199 -6.47 -24.49 -4.11
C VAL A 199 -7.69 -25.40 -4.02
N LYS A 200 -8.68 -24.97 -3.23
CA LYS A 200 -9.92 -25.72 -3.00
C LYS A 200 -11.07 -25.12 -3.81
N PRO A 201 -11.40 -25.72 -4.97
CA PRO A 201 -12.38 -25.03 -5.84
C PRO A 201 -13.73 -24.80 -5.20
N LYS A 202 -14.16 -25.69 -4.32
CA LYS A 202 -15.48 -25.51 -3.71
C LYS A 202 -15.52 -24.32 -2.76
N LYS A 203 -14.36 -23.83 -2.35
CA LYS A 203 -14.27 -22.72 -1.41
C LYS A 203 -13.82 -21.41 -2.07
N LEU A 204 -13.53 -21.48 -3.37
CA LEU A 204 -12.98 -20.34 -4.13
C LEU A 204 -14.12 -19.46 -4.65
N ASN A 205 -14.05 -18.15 -4.36
CA ASN A 205 -15.13 -17.23 -4.75
C ASN A 205 -15.00 -16.75 -6.21
N ALA A 206 -15.04 -17.68 -7.15
CA ALA A 206 -14.87 -17.35 -8.55
C ALA A 206 -15.21 -18.53 -9.42
N GLU A 207 -15.53 -18.25 -10.69
CA GLU A 207 -15.57 -19.25 -11.72
C GLU A 207 -14.12 -19.56 -12.04
N ILE A 208 -13.83 -20.82 -12.37
CA ILE A 208 -12.47 -21.21 -12.77
C ILE A 208 -12.42 -21.46 -14.26
N ILE A 209 -11.42 -20.85 -14.89
CA ILE A 209 -11.16 -21.02 -16.31
C ILE A 209 -9.75 -21.52 -16.42
N LYS A 210 -9.55 -22.60 -17.17
CA LYS A 210 -8.24 -23.19 -17.30
C LYS A 210 -7.84 -23.21 -18.75
N PRO A 211 -6.98 -22.29 -19.16
CA PRO A 211 -6.48 -22.35 -20.53
C PRO A 211 -5.58 -23.53 -20.66
N VAL A 212 -5.76 -24.33 -21.72
CA VAL A 212 -5.01 -25.55 -21.94
C VAL A 212 -4.32 -25.40 -23.29
N PHE A 213 -3.03 -25.70 -23.32
CA PHE A 213 -2.22 -25.54 -24.52
C PHE A 213 -1.78 -26.90 -25.01
N LEU A 214 -2.24 -27.21 -26.22
CA LEU A 214 -1.98 -28.50 -26.85
C LEU A 214 -1.13 -28.32 -28.09
N ASP A 215 -0.12 -29.16 -28.22
CA ASP A 215 0.73 -29.15 -29.39
C ASP A 215 0.57 -30.44 -30.14
N GLU A 216 0.86 -30.40 -31.44
CA GLU A 216 0.54 -31.56 -32.28
C GLU A 216 1.60 -32.64 -32.20
N LYS A 217 1.14 -33.88 -32.26
CA LYS A 217 2.03 -35.05 -32.30
C LYS A 217 1.27 -36.23 -32.92
N ASN A 218 1.70 -36.70 -34.09
CA ASN A 218 1.07 -37.84 -34.75
C ASN A 218 -0.41 -37.63 -35.06
N GLY A 219 -0.75 -36.40 -35.44
CA GLY A 219 -2.11 -36.07 -35.85
C GLY A 219 -3.06 -35.87 -34.68
N LYS A 220 -2.50 -35.91 -33.47
CA LYS A 220 -3.27 -35.68 -32.25
C LYS A 220 -2.70 -34.49 -31.54
N PHE A 221 -3.52 -33.81 -30.76
CA PHE A 221 -3.03 -32.68 -29.98
C PHE A 221 -2.90 -33.12 -28.52
N LYS A 222 -1.76 -32.82 -27.91
CA LYS A 222 -1.47 -33.28 -26.55
C LYS A 222 -0.72 -32.21 -25.75
N ILE A 223 -0.74 -32.35 -24.42
CA ILE A 223 0.05 -31.46 -23.58
C ILE A 223 1.51 -31.90 -23.67
N ILE A 224 2.35 -30.99 -24.15
CA ILE A 224 3.79 -31.21 -24.23
C ILE A 224 4.45 -30.25 -23.26
N SER A 225 4.98 -30.79 -22.17
CA SER A 225 5.37 -29.99 -21.00
C SER A 225 6.20 -28.73 -21.29
N PHE A 226 7.28 -28.83 -22.05
CA PHE A 226 8.14 -27.64 -22.18
C PHE A 226 7.41 -26.53 -22.95
N TYR A 227 6.65 -26.93 -23.98
CA TYR A 227 5.82 -25.99 -24.72
C TYR A 227 4.73 -25.38 -23.83
N ALA A 228 4.04 -26.25 -23.09
CA ALA A 228 2.88 -25.83 -22.34
C ALA A 228 3.27 -24.84 -21.24
N LYS A 229 4.41 -25.06 -20.60
CA LYS A 229 4.82 -24.13 -19.54
C LYS A 229 5.08 -22.73 -20.11
N LYS A 230 5.86 -22.65 -21.19
CA LYS A 230 6.09 -21.37 -21.83
C LYS A 230 4.76 -20.74 -22.26
N ALA A 231 3.84 -21.55 -22.77
CA ALA A 231 2.54 -21.04 -23.23
C ALA A 231 1.74 -20.41 -22.09
N ARG A 232 1.81 -21.00 -20.90
CA ARG A 232 1.09 -20.45 -19.74
C ARG A 232 1.62 -19.06 -19.43
N GLY A 233 2.94 -18.91 -19.57
CA GLY A 233 3.56 -17.60 -19.45
C GLY A 233 3.15 -16.61 -20.53
N LEU A 234 3.11 -17.09 -21.78
CA LEU A 234 2.73 -16.23 -22.89
C LEU A 234 1.30 -15.73 -22.69
N SER A 236 -0.31 -15.48 -19.73
CA SER A 236 -0.26 -14.52 -18.62
C SER A 236 0.14 -13.13 -19.12
N ARG A 237 1.17 -13.10 -19.97
CA ARG A 237 1.64 -11.84 -20.52
C ARG A 237 0.56 -11.20 -21.41
N PHE A 238 -0.10 -12.01 -22.22
CA PHE A 238 -1.19 -11.53 -23.10
C PHE A 238 -2.28 -10.82 -22.30
N ILE A 239 -2.69 -11.44 -21.19
CA ILE A 239 -3.72 -10.89 -20.34
C ILE A 239 -3.24 -9.56 -19.74
N ILE A 240 -2.01 -9.56 -19.21
CA ILE A 240 -1.49 -8.37 -18.55
C ILE A 240 -1.28 -7.23 -19.56
N GLU A 241 -0.61 -7.52 -20.67
CA GLU A 241 -0.26 -6.49 -21.66
C GLU A 241 -1.49 -5.81 -22.22
N ASN A 242 -2.54 -6.60 -22.40
CA ASN A 242 -3.76 -6.09 -22.99
C ASN A 242 -4.79 -5.68 -21.95
N ARG A 243 -4.40 -5.74 -20.68
CA ARG A 243 -5.26 -5.32 -19.57
C ARG A 243 -6.64 -5.94 -19.63
N LEU A 244 -6.69 -7.25 -19.89
CA LEU A 244 -7.96 -7.91 -20.12
C LEU A 244 -8.74 -8.01 -18.82
N THR A 245 -10.06 -7.98 -18.94
CA THR A 245 -10.98 -7.93 -17.81
C THR A 245 -11.97 -9.10 -17.82
N LYS A 246 -12.26 -9.63 -19.02
CA LYS A 246 -13.31 -10.65 -19.20
C LYS A 246 -12.78 -11.95 -19.82
N PRO A 247 -13.35 -13.09 -19.41
CA PRO A 247 -12.98 -14.39 -19.97
C PRO A 247 -13.02 -14.49 -21.48
N GLU A 248 -14.02 -13.87 -22.10
CA GLU A 248 -14.16 -14.00 -23.54
C GLU A 248 -12.95 -13.43 -24.26
N GLN A 249 -12.30 -12.44 -23.64
CA GLN A 249 -11.13 -11.83 -24.26
C GLN A 249 -9.95 -12.79 -24.39
N LEU A 250 -9.90 -13.81 -23.53
CA LEU A 250 -8.78 -14.74 -23.58
C LEU A 250 -8.77 -15.54 -24.89
N THR A 251 -9.93 -15.68 -25.55
CA THR A 251 -9.97 -16.49 -26.78
C THR A 251 -9.22 -15.80 -27.93
N GLY A 252 -8.82 -14.54 -27.74
CA GLY A 252 -8.02 -13.86 -28.73
C GLY A 252 -6.55 -14.22 -28.72
N PHE A 253 -6.12 -14.97 -27.70
CA PHE A 253 -4.71 -15.36 -27.60
C PHE A 253 -4.26 -16.14 -28.83
N ASN A 254 -3.15 -15.70 -29.43
CA ASN A 254 -2.60 -16.39 -30.59
C ASN A 254 -1.07 -16.32 -30.66
N SER A 255 -0.41 -16.15 -29.53
CA SER A 255 1.04 -16.01 -29.51
C SER A 255 1.76 -17.28 -29.98
N GLU A 256 2.78 -17.08 -30.81
CA GLU A 256 3.67 -18.15 -31.28
C GLU A 256 2.94 -19.33 -31.94
N GLY A 257 1.83 -19.06 -32.64
CA GLY A 257 1.15 -20.06 -33.44
C GLY A 257 -0.06 -20.76 -32.79
N TYR A 258 -0.31 -20.50 -31.51
CA TYR A 258 -1.52 -21.08 -30.88
C TYR A 258 -2.80 -20.46 -31.45
N PHE A 259 -3.85 -21.27 -31.52
CA PHE A 259 -5.17 -20.75 -31.88
C PHE A 259 -6.22 -21.40 -31.01
N PHE A 260 -7.24 -20.61 -30.66
CA PHE A 260 -8.37 -21.09 -29.88
C PHE A 260 -9.22 -22.12 -30.64
N ASP A 261 -9.56 -23.21 -29.96
CA ASP A 261 -10.42 -24.26 -30.51
C ASP A 261 -11.69 -24.35 -29.68
N GLU A 262 -12.74 -23.68 -30.15
CA GLU A 262 -14.00 -23.63 -29.41
C GLU A 262 -14.61 -25.02 -29.19
N ASP A 263 -14.59 -25.88 -30.21
CA ASP A 263 -15.22 -27.20 -30.10
C ASP A 263 -14.55 -28.11 -29.08
N SER A 264 -13.25 -27.92 -28.89
CA SER A 264 -12.52 -28.74 -27.92
C SER A 264 -12.62 -28.18 -26.50
N SER A 265 -13.24 -27.01 -26.35
CA SER A 265 -13.31 -26.30 -25.07
C SER A 265 -14.60 -26.58 -24.29
N SER A 266 -14.50 -27.23 -23.14
CA SER A 266 -15.67 -27.35 -22.28
C SER A 266 -15.26 -27.47 -20.83
N ASN A 267 -16.25 -27.38 -19.93
N ASN A 267 -16.25 -27.30 -19.96
CA ASN A 267 -16.04 -27.54 -18.50
CA ASN A 267 -16.10 -27.49 -18.55
C ASN A 267 -15.03 -26.54 -17.94
C ASN A 267 -15.10 -26.52 -17.91
N GLY A 268 -14.98 -25.35 -18.50
CA GLY A 268 -14.09 -24.33 -17.98
C GLY A 268 -12.72 -24.39 -18.60
N GLU A 269 -12.45 -25.38 -19.44
CA GLU A 269 -11.21 -25.35 -20.20
C GLU A 269 -11.38 -24.45 -21.40
N LEU A 270 -10.34 -23.67 -21.70
CA LEU A 270 -10.24 -22.96 -22.97
C LEU A 270 -9.04 -23.56 -23.69
N VAL A 271 -9.32 -24.30 -24.75
CA VAL A 271 -8.30 -25.06 -25.44
C VAL A 271 -7.67 -24.30 -26.60
N PHE A 272 -6.34 -24.22 -26.59
CA PHE A 272 -5.56 -23.62 -27.63
C PHE A 272 -4.67 -24.69 -28.23
N LYS A 273 -4.71 -24.79 -29.56
CA LYS A 273 -3.96 -25.80 -30.30
C LYS A 273 -2.86 -25.16 -31.12
N ARG A 274 -1.82 -25.93 -31.42
CA ARG A 274 -0.75 -25.44 -32.28
C ARG A 274 -0.18 -26.53 -33.17
N TYR A 275 -0.07 -26.26 -34.47
CA TYR A 275 0.54 -27.24 -35.38
C TYR A 275 2.07 -27.24 -35.24
N GLU A 276 2.69 -28.34 -35.64
CA GLU A 276 4.15 -28.44 -35.61
C GLU A 276 4.78 -27.55 -36.68
N PRO B 16 8.83 2.21 6.67
CA PRO B 16 8.65 2.94 5.41
C PRO B 16 9.89 3.72 5.00
N ARG B 17 10.07 3.99 3.71
CA ARG B 17 11.23 4.72 3.21
C ARG B 17 11.25 6.17 3.72
N GLY B 18 10.13 6.87 3.60
CA GLY B 18 10.08 8.26 4.00
C GLY B 18 10.78 9.16 2.99
N SER B 19 10.74 10.45 3.26
CA SER B 19 11.28 11.41 2.32
C SER B 19 12.04 12.47 3.08
N HIS B 20 12.67 13.36 2.33
CA HIS B 20 13.48 14.42 2.89
C HIS B 20 12.70 15.69 3.14
N LEU B 22 8.82 17.11 4.50
CA LEU B 22 7.49 16.83 5.01
C LEU B 22 6.86 18.15 5.39
N ILE B 23 5.63 18.39 4.91
CA ILE B 23 4.84 19.56 5.23
C ILE B 23 3.85 19.24 6.34
N LEU B 24 3.76 20.11 7.35
CA LEU B 24 2.76 20.00 8.40
C LEU B 24 1.77 21.14 8.32
N ILE B 25 0.48 20.82 8.36
CA ILE B 25 -0.55 21.85 8.47
C ILE B 25 -1.54 21.50 9.55
N SER B 26 -2.32 22.52 9.94
CA SER B 26 -3.40 22.39 10.89
C SER B 26 -4.59 21.70 10.27
N PRO B 27 -5.43 21.08 11.10
CA PRO B 27 -6.74 20.59 10.65
C PRO B 27 -7.73 21.76 10.62
N ALA B 28 -8.99 21.47 10.34
CA ALA B 28 -10.03 22.49 10.35
C ALA B 28 -11.21 22.04 11.18
N LYS B 29 -11.98 23.04 11.61
CA LYS B 29 -13.19 22.80 12.38
C LYS B 29 -14.39 22.45 11.53
N THR B 30 -14.46 23.05 10.36
CA THR B 30 -15.57 22.79 9.44
C THR B 30 -15.28 21.54 8.61
N LEU B 31 -16.26 20.65 8.52
CA LEU B 31 -16.11 19.39 7.81
C LEU B 31 -17.18 19.25 6.74
N ASP B 32 -16.83 18.60 5.62
CA ASP B 32 -17.75 18.45 4.49
C ASP B 32 -17.77 16.99 4.05
N TYR B 33 -18.94 16.34 4.22
CA TYR B 33 -19.15 14.95 3.82
C TYR B 33 -20.19 14.83 2.71
N GLN B 34 -20.44 15.94 1.99
CA GLN B 34 -21.48 15.97 0.98
C GLN B 34 -21.01 16.39 -0.42
N SER B 35 -19.89 17.10 -0.53
CA SER B 35 -19.37 17.46 -1.85
C SER B 35 -18.88 16.21 -2.57
N PRO B 36 -18.88 16.25 -3.92
CA PRO B 36 -18.32 15.11 -4.65
C PRO B 36 -16.87 14.80 -4.24
N LEU B 37 -16.54 13.52 -4.17
CA LEU B 37 -15.17 13.10 -3.90
C LEU B 37 -14.28 13.45 -5.10
N THR B 38 -13.15 14.08 -4.85
CA THR B 38 -12.18 14.37 -5.90
C THR B 38 -11.30 13.17 -6.24
N THR B 39 -11.10 12.28 -5.25
CA THR B 39 -10.51 10.97 -5.49
C THR B 39 -11.26 9.96 -4.63
N THR B 40 -11.32 8.70 -5.05
CA THR B 40 -11.92 7.66 -4.21
C THR B 40 -10.85 6.82 -3.51
N ARG B 41 -9.57 7.12 -3.76
CA ARG B 41 -8.50 6.35 -3.13
C ARG B 41 -8.34 6.78 -1.67
N TYR B 42 -8.14 5.83 -0.78
CA TYR B 42 -7.99 6.14 0.63
C TYR B 42 -7.07 5.20 1.36
N THR B 43 -6.60 5.68 2.50
CA THR B 43 -5.88 4.90 3.46
C THR B 43 -6.61 5.02 4.81
N LEU B 44 -6.11 4.32 5.82
CA LEU B 44 -6.66 4.39 7.18
C LEU B 44 -5.67 5.04 8.14
N PRO B 45 -6.17 5.88 9.05
CA PRO B 45 -5.26 6.50 10.01
C PRO B 45 -4.55 5.46 10.86
N GLU B 46 -3.33 5.82 11.23
CA GLU B 46 -2.45 4.86 11.86
C GLU B 46 -2.41 4.92 13.38
N LEU B 47 -3.10 5.88 13.99
CA LEU B 47 -3.09 5.99 15.46
C LEU B 47 -4.46 5.80 16.09
N LEU B 48 -5.29 4.94 15.51
CA LEU B 48 -6.66 4.82 15.99
C LEU B 48 -6.81 4.18 17.37
N ASP B 49 -5.84 3.38 17.82
CA ASP B 49 -5.89 2.88 19.19
C ASP B 49 -5.80 4.04 20.18
N ASN B 50 -4.98 5.03 19.85
CA ASN B 50 -4.93 6.24 20.64
C ASN B 50 -6.23 7.07 20.50
N SER B 51 -6.72 7.23 19.29
CA SER B 51 -7.98 7.96 19.09
C SER B 51 -9.11 7.35 19.89
N GLN B 52 -9.19 6.02 19.92
CA GLN B 52 -10.25 5.33 20.66
C GLN B 52 -10.22 5.67 22.15
N GLN B 53 -9.02 5.81 22.73
CA GLN B 53 -8.92 6.23 24.13
C GLN B 53 -9.46 7.64 24.34
N LEU B 54 -9.17 8.57 23.42
CA LEU B 54 -9.71 9.91 23.54
C LEU B 54 -11.21 9.92 23.38
N ILE B 55 -11.73 9.11 22.47
CA ILE B 55 -13.18 9.02 22.30
C ILE B 55 -13.83 8.53 23.60
N HIS B 56 -13.20 7.56 24.26
CA HIS B 56 -13.68 7.08 25.56
C HIS B 56 -13.82 8.23 26.56
N GLU B 57 -12.85 9.15 26.59
CA GLU B 57 -12.93 10.28 27.51
C GLU B 57 -13.98 11.28 27.03
N ALA B 58 -14.00 11.57 25.72
CA ALA B 58 -14.88 12.60 25.19
C ALA B 58 -16.35 12.23 25.36
N ARG B 59 -16.65 10.93 25.32
CA ARG B 59 -18.03 10.43 25.50
C ARG B 59 -18.58 10.74 26.88
N LYS B 60 -17.69 10.94 27.83
CA LYS B 60 -18.10 11.25 29.20
C LYS B 60 -18.66 12.67 29.31
N LEU B 61 -18.34 13.53 28.35
CA LEU B 61 -18.74 14.93 28.43
C LEU B 61 -20.22 15.11 28.12
N THR B 62 -20.93 15.86 28.95
CA THR B 62 -22.29 16.24 28.63
C THR B 62 -22.25 17.36 27.60
N PRO B 63 -23.39 17.60 26.91
CA PRO B 63 -23.33 18.72 25.97
C PRO B 63 -23.02 20.08 26.62
N PRO B 64 -23.60 20.39 27.81
CA PRO B 64 -23.15 21.66 28.40
C PRO B 64 -21.65 21.73 28.67
N GLN B 65 -21.05 20.61 29.05
CA GLN B 65 -19.62 20.55 29.33
C GLN B 65 -18.80 20.74 28.06
N ILE B 66 -19.31 20.20 26.95
CA ILE B 66 -18.67 20.42 25.67
C ILE B 66 -18.74 21.91 25.30
N SER B 67 -19.89 22.53 25.51
CA SER B 67 -20.02 23.95 25.20
C SER B 67 -19.01 24.76 25.97
N THR B 68 -18.83 24.44 27.24
CA THR B 68 -17.93 25.18 28.11
C THR B 68 -16.49 24.89 27.76
N LEU B 69 -16.14 23.61 27.68
CA LEU B 69 -14.80 23.23 27.35
C LEU B 69 -14.34 23.72 25.97
N ARG B 71 -16.03 26.05 23.96
CA ARG B 71 -16.50 27.40 23.66
C ARG B 71 -17.31 27.44 22.37
N ILE B 72 -18.38 26.65 22.34
CA ILE B 72 -19.27 26.57 21.18
C ILE B 72 -20.72 26.59 21.63
N SER B 73 -21.61 26.81 20.66
CA SER B 73 -23.06 26.90 20.93
C SER B 73 -23.61 25.60 21.49
N ASP B 74 -24.77 25.67 22.15
CA ASP B 74 -25.46 24.45 22.61
C ASP B 74 -25.71 23.48 21.47
N LYS B 75 -26.13 24.00 20.34
CA LYS B 75 -26.46 23.18 19.19
C LYS B 75 -25.23 22.45 18.68
N LEU B 76 -24.12 23.19 18.55
CA LEU B 76 -22.90 22.56 18.06
C LEU B 76 -22.33 21.59 19.10
N ALA B 77 -22.54 21.86 20.40
CA ALA B 77 -22.13 20.90 21.44
C ALA B 77 -22.91 19.60 21.33
N GLY B 78 -24.21 19.70 21.04
CA GLY B 78 -25.05 18.53 20.87
C GLY B 78 -24.60 17.70 19.68
N ILE B 79 -24.28 18.39 18.60
CA ILE B 79 -23.80 17.76 17.39
C ILE B 79 -22.51 17.00 17.70
N ASN B 80 -21.64 17.62 18.48
CA ASN B 80 -20.38 16.99 18.75
C ASN B 80 -20.47 15.86 19.79
N ALA B 81 -21.39 15.98 20.77
CA ALA B 81 -21.67 14.85 21.66
C ALA B 81 -22.10 13.65 20.85
N ALA B 82 -22.96 13.88 19.85
CA ALA B 82 -23.43 12.76 18.99
C ALA B 82 -22.29 12.18 18.16
N ARG B 83 -21.41 13.03 17.64
CA ARG B 83 -20.23 12.54 16.92
C ARG B 83 -19.38 11.63 17.80
N PHE B 84 -19.19 12.02 19.06
CA PHE B 84 -18.35 11.21 19.92
C PHE B 84 -19.04 9.87 20.20
N HIS B 85 -20.34 9.92 20.42
CA HIS B 85 -21.13 8.72 20.67
C HIS B 85 -21.17 7.80 19.46
N ASP B 86 -21.17 8.39 18.28
CA ASP B 86 -21.37 7.65 17.03
C ASP B 86 -20.06 7.05 16.47
N TRP B 87 -18.94 7.59 16.91
CA TRP B 87 -17.63 7.22 16.41
C TRP B 87 -17.32 5.75 16.67
N GLN B 88 -16.78 5.08 15.66
CA GLN B 88 -16.28 3.72 15.82
C GLN B 88 -15.23 3.48 14.75
N PRO B 89 -14.21 2.66 15.07
CA PRO B 89 -12.96 2.69 14.32
C PRO B 89 -12.95 1.93 12.99
N ASP B 90 -14.06 1.27 12.64
CA ASP B 90 -14.14 0.60 11.34
C ASP B 90 -14.53 1.62 10.26
N PHE B 91 -13.53 2.35 9.76
CA PHE B 91 -13.77 3.42 8.81
C PHE B 91 -13.94 2.88 7.40
N THR B 92 -14.96 3.39 6.71
CA THR B 92 -15.21 3.07 5.31
C THR B 92 -15.69 4.34 4.60
N PRO B 93 -15.76 4.31 3.26
CA PRO B 93 -16.25 5.49 2.56
C PRO B 93 -17.72 5.82 2.85
N ALA B 94 -18.47 4.86 3.39
CA ALA B 94 -19.85 5.14 3.78
C ALA B 94 -19.96 5.94 5.07
N ASN B 95 -18.92 5.89 5.92
CA ASN B 95 -19.00 6.55 7.23
C ASN B 95 -17.85 7.51 7.50
N ALA B 96 -17.00 7.71 6.52
CA ALA B 96 -15.79 8.53 6.68
C ALA B 96 -15.37 9.11 5.34
N ARG B 97 -14.40 10.03 5.38
CA ARG B 97 -13.88 10.70 4.20
C ARG B 97 -12.41 11.02 4.40
N GLN B 98 -11.66 11.02 3.28
CA GLN B 98 -10.26 11.38 3.31
C GLN B 98 -10.06 12.74 3.94
N ALA B 99 -9.10 12.84 4.86
CA ALA B 99 -8.86 14.08 5.62
C ALA B 99 -8.69 15.28 4.70
N ILE B 100 -7.90 15.13 3.64
CA ILE B 100 -7.62 16.29 2.81
C ILE B 100 -8.86 16.79 2.08
N LEU B 101 -9.89 15.95 1.98
CA LEU B 101 -11.14 16.36 1.35
C LEU B 101 -12.20 16.81 2.37
N ALA B 102 -12.16 16.24 3.58
CA ALA B 102 -13.17 16.53 4.59
C ALA B 102 -12.99 17.92 5.23
N PHE B 103 -11.75 18.31 5.46
CA PHE B 103 -11.46 19.58 6.13
C PHE B 103 -11.77 20.78 5.22
N LYS B 104 -12.45 21.77 5.79
CA LYS B 104 -12.73 23.02 5.09
C LYS B 104 -12.42 24.23 5.96
N GLY B 105 -11.93 25.27 5.33
CA GLY B 105 -11.57 26.46 6.07
C GLY B 105 -10.45 27.14 5.37
N ASP B 106 -9.97 28.25 5.93
CA ASP B 106 -9.04 29.10 5.22
C ASP B 106 -7.82 28.35 4.70
N VAL B 107 -7.19 27.51 5.51
CA VAL B 107 -6.00 26.77 5.01
C VAL B 107 -6.39 25.91 3.83
N TYR B 108 -7.54 25.26 3.94
CA TYR B 108 -7.99 24.33 2.90
C TYR B 108 -8.51 25.07 1.67
N THR B 109 -8.93 26.32 1.86
CA THR B 109 -9.32 27.14 0.74
C THR B 109 -8.08 27.48 -0.09
N GLY B 110 -6.97 27.72 0.59
CA GLY B 110 -5.72 27.99 -0.10
C GLY B 110 -5.16 26.75 -0.76
N LEU B 111 -5.30 25.61 -0.10
CA LEU B 111 -4.77 24.35 -0.60
C LEU B 111 -5.51 23.91 -1.88
N GLN B 112 -6.82 24.08 -1.85
CA GLN B 112 -7.73 23.73 -2.94
C GLN B 112 -7.55 22.30 -3.46
N ALA B 113 -7.69 21.34 -2.56
CA ALA B 113 -7.48 19.94 -2.90
C ALA B 113 -8.48 19.48 -3.96
N GLU B 114 -9.62 20.18 -4.11
CA GLU B 114 -10.63 19.78 -5.10
C GLU B 114 -10.13 19.90 -6.54
N THR B 115 -9.02 20.61 -6.76
CA THR B 115 -8.45 20.66 -8.11
C THR B 115 -7.19 19.81 -8.26
N PHE B 116 -6.88 18.96 -7.28
CA PHE B 116 -5.71 18.07 -7.39
C PHE B 116 -5.91 16.97 -8.42
N SER B 117 -4.85 16.63 -9.15
CA SER B 117 -4.80 15.42 -9.96
C SER B 117 -4.50 14.23 -9.06
N GLU B 118 -4.67 13.01 -9.56
CA GLU B 118 -4.30 11.86 -8.76
C GLU B 118 -2.79 11.87 -8.46
N ASP B 119 -1.98 12.41 -9.37
CA ASP B 119 -0.55 12.53 -9.12
C ASP B 119 -0.27 13.58 -8.01
N ASP B 120 -1.06 14.65 -7.96
CA ASP B 120 -0.95 15.62 -6.86
C ASP B 120 -1.28 14.91 -5.55
N PHE B 121 -2.32 14.09 -5.55
CA PHE B 121 -2.65 13.38 -4.32
C PHE B 121 -1.55 12.44 -3.89
N ASP B 122 -0.90 11.78 -4.85
CA ASP B 122 0.20 10.88 -4.53
C ASP B 122 1.36 11.64 -3.89
N PHE B 123 1.69 12.81 -4.41
CA PHE B 123 2.79 13.59 -3.88
C PHE B 123 2.41 14.08 -2.47
N ALA B 124 1.17 14.55 -2.34
CA ALA B 124 0.65 14.97 -1.04
C ALA B 124 0.70 13.82 -0.04
N GLN B 125 0.28 12.63 -0.46
CA GLN B 125 0.27 11.50 0.46
C GLN B 125 1.67 11.19 0.99
N GLN B 126 2.69 11.41 0.15
CA GLN B 126 4.07 11.22 0.57
C GLN B 126 4.63 12.35 1.44
N HIS B 127 4.19 13.59 1.24
CA HIS B 127 4.91 14.74 1.78
C HIS B 127 4.11 15.67 2.69
N LEU B 128 2.81 15.46 2.82
CA LEU B 128 1.95 16.34 3.63
C LEU B 128 1.33 15.55 4.79
N ARG B 129 1.31 16.16 5.96
CA ARG B 129 0.63 15.60 7.12
C ARG B 129 -0.20 16.68 7.79
N LEU B 131 -1.89 17.65 11.43
CA LEU B 131 -1.93 17.36 12.85
C LEU B 131 -3.39 17.34 13.31
N SER B 132 -3.70 16.66 14.40
CA SER B 132 -5.09 16.48 14.82
C SER B 132 -5.18 16.12 16.25
N GLY B 133 -6.04 16.83 16.99
CA GLY B 133 -6.23 16.49 18.39
C GLY B 133 -6.70 15.08 18.62
N LEU B 134 -7.57 14.59 17.74
CA LEU B 134 -8.14 13.25 17.88
C LEU B 134 -7.30 12.17 17.22
N TYR B 135 -6.80 12.44 16.00
CA TYR B 135 -6.12 11.41 15.22
C TYR B 135 -4.60 11.47 15.32
N GLY B 136 -4.08 12.54 15.90
CA GLY B 136 -2.64 12.70 16.07
C GLY B 136 -2.01 13.22 14.81
N VAL B 137 -1.84 12.31 13.84
CA VAL B 137 -1.27 12.61 12.54
C VAL B 137 -2.17 11.96 11.50
N LEU B 138 -2.58 12.76 10.53
CA LEU B 138 -3.38 12.29 9.39
C LEU B 138 -2.57 12.44 8.11
N ARG B 139 -2.58 11.39 7.31
CA ARG B 139 -2.20 11.47 5.91
C ARG B 139 -3.36 12.03 5.10
N PRO B 140 -3.05 12.69 3.99
CA PRO B 140 -4.09 13.28 3.13
C PRO B 140 -5.23 12.30 2.76
N LEU B 141 -4.90 11.06 2.44
CA LEU B 141 -5.90 10.11 2.00
C LEU B 141 -6.49 9.27 3.15
N ASP B 142 -6.07 9.54 4.40
CA ASP B 142 -6.61 8.81 5.55
C ASP B 142 -8.10 9.14 5.74
N LEU B 143 -8.96 8.12 5.75
CA LEU B 143 -10.36 8.31 6.13
C LEU B 143 -10.46 8.82 7.55
N GLN B 145 -13.65 9.91 10.51
CA GLN B 145 -15.00 10.19 10.96
C GLN B 145 -15.03 11.55 11.63
N PRO B 146 -16.19 12.21 11.62
CA PRO B 146 -16.26 13.59 12.06
C PRO B 146 -16.06 13.77 13.56
N TYR B 147 -15.48 14.90 13.93
CA TYR B 147 -15.14 15.19 15.31
C TYR B 147 -14.84 16.68 15.47
N ARG B 148 -14.85 17.15 16.71
CA ARG B 148 -14.26 18.44 17.06
C ARG B 148 -13.46 18.20 18.34
N LEU B 149 -12.14 18.32 18.25
CA LEU B 149 -11.28 18.14 19.41
C LEU B 149 -9.99 18.88 19.10
N GLU B 150 -9.97 20.18 19.39
CA GLU B 150 -8.79 20.99 19.05
C GLU B 150 -7.60 20.57 19.91
N GLY B 152 -5.36 22.15 21.51
CA GLY B 152 -5.21 22.89 22.75
C GLY B 152 -6.29 22.69 23.82
N ILE B 153 -7.27 21.83 23.58
CA ILE B 153 -8.36 21.61 24.52
C ILE B 153 -7.83 20.89 25.75
N ARG B 154 -8.19 21.36 26.93
CA ARG B 154 -7.68 20.74 28.16
C ARG B 154 -8.58 19.61 28.60
N LEU B 155 -8.58 18.56 27.79
CA LEU B 155 -9.33 17.34 28.05
C LEU B 155 -8.51 16.39 28.93
N GLU B 156 -8.98 16.19 30.14
CA GLU B 156 -8.29 15.37 31.11
C GLU B 156 -8.38 13.95 30.61
N ASN B 157 -7.31 13.19 30.84
CA ASN B 157 -7.23 11.84 30.33
C ASN B 157 -6.30 11.01 31.19
N ALA B 158 -6.15 9.74 30.84
CA ALA B 158 -5.34 8.82 31.63
C ALA B 158 -3.87 9.22 31.69
N ARG B 159 -3.39 10.02 30.73
CA ARG B 159 -1.99 10.32 30.64
C ARG B 159 -1.65 11.72 31.14
N GLY B 160 -2.67 12.50 31.49
CA GLY B 160 -2.41 13.86 31.92
C GLY B 160 -3.59 14.78 31.82
N LYS B 161 -3.31 16.07 31.91
CA LYS B 161 -4.33 17.11 32.01
C LYS B 161 -4.80 17.62 30.67
N ASP B 162 -4.04 17.32 29.61
CA ASP B 162 -4.36 17.88 28.31
C ASP B 162 -3.86 16.97 27.19
N LEU B 163 -4.09 17.37 25.94
CA LEU B 163 -3.73 16.49 24.82
C LEU B 163 -2.25 16.47 24.47
N TYR B 164 -1.51 17.52 24.83
CA TYR B 164 -0.07 17.46 24.67
C TYR B 164 0.51 16.40 25.58
N GLN B 165 0.01 16.30 26.80
CA GLN B 165 0.46 15.26 27.72
C GLN B 165 0.04 13.88 27.19
N PHE B 166 -1.17 13.78 26.64
CA PHE B 166 -1.65 12.52 26.09
C PHE B 166 -0.76 12.03 24.93
N TRP B 167 -0.51 12.92 23.96
CA TRP B 167 0.16 12.47 22.75
C TRP B 167 1.64 12.26 23.01
N GLY B 168 2.20 13.01 23.95
CA GLY B 168 3.62 12.88 24.25
C GLY B 168 4.51 12.94 23.02
N ASP B 169 5.30 11.87 22.83
CA ASP B 169 6.22 11.77 21.71
C ASP B 169 5.60 11.04 20.52
N ILE B 170 4.36 10.56 20.68
CA ILE B 170 3.74 9.69 19.67
C ILE B 170 3.65 10.37 18.32
N ILE B 171 3.22 11.63 18.31
CA ILE B 171 3.08 12.37 17.08
C ILE B 171 4.44 12.55 16.40
N THR B 172 5.45 12.97 17.16
CA THR B 172 6.78 13.14 16.62
C THR B 172 7.34 11.82 16.07
N ASN B 173 7.10 10.73 16.81
CA ASN B 173 7.60 9.42 16.35
C ASN B 173 6.92 8.99 15.05
N LYS B 174 5.63 9.32 14.91
CA LYS B 174 4.93 8.98 13.69
C LYS B 174 5.44 9.82 12.51
N LEU B 175 5.75 11.07 12.77
CA LEU B 175 6.30 11.91 11.71
C LEU B 175 7.69 11.40 11.30
N ASN B 176 8.47 10.95 12.26
CA ASN B 176 9.79 10.41 11.96
C ASN B 176 9.70 9.17 11.05
N GLU B 177 8.62 8.39 11.17
CA GLU B 177 8.43 7.26 10.26
C GLU B 177 8.33 7.72 8.80
N ALA B 178 7.81 8.92 8.58
CA ALA B 178 7.66 9.49 7.23
C ALA B 178 8.91 10.22 6.75
N LEU B 179 9.96 10.23 7.59
CA LEU B 179 11.21 10.91 7.24
C LEU B 179 12.29 9.92 6.90
N ALA B 180 13.16 10.30 5.97
CA ALA B 180 14.29 9.45 5.57
C ALA B 180 15.20 9.12 6.76
N ALA B 181 15.61 7.88 6.85
CA ALA B 181 16.41 7.44 7.99
C ALA B 181 17.73 8.21 8.18
N GLN B 182 18.36 8.51 7.04
N GLN B 182 18.37 8.66 7.09
CA GLN B 182 19.61 9.28 6.96
CA GLN B 182 19.77 9.15 7.21
C GLN B 182 19.54 10.34 5.88
C GLN B 182 20.07 10.62 6.84
N GLY B 183 20.46 11.30 5.95
N GLY B 183 19.74 11.05 5.63
CA GLY B 183 20.49 12.41 5.03
CA GLY B 183 20.26 12.31 5.07
C GLY B 183 19.71 13.58 5.60
C GLY B 183 19.61 13.58 5.60
N ASP B 184 19.88 14.71 4.95
CA ASP B 184 19.27 15.94 5.40
C ASP B 184 17.78 15.90 5.13
N ASN B 185 17.01 16.07 6.21
CA ASN B 185 15.56 16.19 6.12
C ASN B 185 15.10 17.56 6.57
N VAL B 186 13.95 17.98 6.05
N VAL B 186 14.00 18.05 6.00
CA VAL B 186 13.32 19.23 6.45
CA VAL B 186 13.35 19.22 6.55
C VAL B 186 11.82 19.04 6.69
C VAL B 186 11.87 18.94 6.77
N VAL B 187 11.34 19.53 7.84
CA VAL B 187 9.91 19.57 8.10
C VAL B 187 9.50 21.04 7.93
N ILE B 188 8.52 21.24 7.06
CA ILE B 188 8.05 22.58 6.78
C ILE B 188 6.87 22.81 7.68
N ASN B 189 7.06 23.67 8.68
CA ASN B 189 6.00 23.95 9.64
C ASN B 189 5.07 25.01 9.09
N LEU B 190 3.95 24.57 8.53
CA LEU B 190 2.87 25.44 8.05
C LEU B 190 1.61 25.28 8.90
N ALA B 191 1.82 24.89 10.16
CA ALA B 191 0.72 24.72 11.13
C ALA B 191 0.69 25.86 12.12
N SER B 192 -0.45 25.99 12.81
CA SER B 192 -0.53 26.98 13.87
C SER B 192 0.25 26.49 15.09
N ASP B 193 0.61 27.42 15.96
CA ASP B 193 1.38 27.08 17.14
C ASP B 193 0.65 26.07 18.02
N GLU B 194 -0.68 26.21 18.10
CA GLU B 194 -1.49 25.28 18.89
C GLU B 194 -1.21 23.83 18.46
N TYR B 195 -1.07 23.62 17.17
CA TYR B 195 -0.84 22.27 16.63
C TYR B 195 0.65 21.91 16.64
N PHE B 196 1.52 22.83 16.25
CA PHE B 196 2.94 22.47 16.20
C PHE B 196 3.52 22.17 17.58
N LYS B 197 2.90 22.67 18.64
CA LYS B 197 3.35 22.43 20.01
C LYS B 197 3.34 20.93 20.34
N SER B 198 2.58 20.14 19.57
CA SER B 198 2.51 18.69 19.77
C SER B 198 3.70 17.96 19.17
N VAL B 199 4.52 18.70 18.43
CA VAL B 199 5.76 18.17 17.84
C VAL B 199 6.94 18.52 18.75
N LYS B 200 7.87 17.58 18.92
CA LYS B 200 9.05 17.79 19.78
C LYS B 200 10.32 17.96 18.93
N PRO B 201 10.75 19.22 18.68
CA PRO B 201 11.89 19.42 17.77
C PRO B 201 13.16 18.65 18.16
N LYS B 202 13.42 18.47 19.46
CA LYS B 202 14.65 17.79 19.86
C LYS B 202 14.62 16.31 19.49
N LYS B 203 13.42 15.77 19.27
CA LYS B 203 13.28 14.38 18.89
C LYS B 203 12.94 14.14 17.41
N LEU B 204 12.75 15.22 16.66
CA LEU B 204 12.30 15.14 15.27
C LEU B 204 13.55 14.98 14.38
N ASN B 205 13.52 14.03 13.44
CA ASN B 205 14.69 13.74 12.60
C ASN B 205 14.73 14.65 11.37
N ALA B 206 14.75 15.95 11.63
CA ALA B 206 14.74 16.94 10.58
C ALA B 206 15.07 18.30 11.13
N GLU B 207 15.52 19.20 10.26
CA GLU B 207 15.53 20.62 10.58
C GLU B 207 14.15 21.16 10.26
N ILE B 208 13.73 22.14 11.04
CA ILE B 208 12.42 22.76 10.88
C ILE B 208 12.57 24.09 10.15
N ILE B 209 11.74 24.28 9.13
CA ILE B 209 11.62 25.57 8.44
C ILE B 209 10.19 26.05 8.55
N LYS B 210 10.03 27.29 8.99
CA LYS B 210 8.70 27.85 9.22
C LYS B 210 8.46 29.02 8.28
N PRO B 211 7.69 28.79 7.19
CA PRO B 211 7.29 29.93 6.38
C PRO B 211 6.35 30.81 7.17
N VAL B 212 6.60 32.12 7.12
CA VAL B 212 5.82 33.12 7.84
C VAL B 212 5.28 34.12 6.81
N PHE B 213 3.98 34.43 6.92
CA PHE B 213 3.31 35.29 5.94
C PHE B 213 2.85 36.60 6.60
N LEU B 214 3.37 37.72 6.10
CA LEU B 214 3.11 39.02 6.69
C LEU B 214 2.35 39.86 5.68
N ASP B 215 1.33 40.55 6.18
CA ASP B 215 0.51 41.43 5.36
C ASP B 215 0.59 42.84 5.90
N GLU B 216 0.45 43.80 5.01
CA GLU B 216 0.74 45.20 5.33
C GLU B 216 -0.48 45.95 5.89
N LYS B 217 -0.28 46.69 6.98
CA LYS B 217 -1.25 47.68 7.45
C LYS B 217 -0.52 48.91 7.97
N ASN B 218 -0.86 50.08 7.47
CA ASN B 218 -0.14 51.31 7.81
C ASN B 218 1.35 51.21 7.50
N GLY B 219 1.69 50.61 6.37
CA GLY B 219 3.08 50.54 5.96
C GLY B 219 3.90 49.61 6.84
N LYS B 220 3.22 48.94 7.77
CA LYS B 220 3.82 47.94 8.65
C LYS B 220 3.32 46.56 8.28
N PHE B 221 4.22 45.59 8.38
CA PHE B 221 3.90 44.21 8.08
C PHE B 221 3.67 43.43 9.37
N LYS B 222 2.54 42.71 9.45
CA LYS B 222 2.32 41.81 10.57
C LYS B 222 1.52 40.60 10.12
N ILE B 223 1.37 39.63 11.03
CA ILE B 223 0.57 38.44 10.77
C ILE B 223 -0.92 38.76 10.90
N ILE B 224 -1.67 38.62 9.81
CA ILE B 224 -3.11 38.81 9.82
C ILE B 224 -3.72 37.43 9.62
N SER B 225 -4.38 36.94 10.66
CA SER B 225 -4.73 35.52 10.77
C SER B 225 -5.47 34.96 9.55
N PHE B 226 -6.51 35.63 9.06
CA PHE B 226 -7.31 34.99 8.00
C PHE B 226 -6.46 34.93 6.73
N TYR B 227 -5.64 35.97 6.50
CA TYR B 227 -4.67 35.93 5.41
C TYR B 227 -3.63 34.84 5.60
N ALA B 228 -3.01 34.81 6.78
CA ALA B 228 -1.92 33.87 7.04
C ALA B 228 -2.38 32.41 6.91
N LYS B 229 -3.58 32.09 7.38
CA LYS B 229 -4.07 30.71 7.25
C LYS B 229 -4.24 30.32 5.78
N LYS B 230 -4.86 31.19 4.99
CA LYS B 230 -4.98 30.91 3.56
C LYS B 230 -3.58 30.76 2.92
N ALA B 231 -2.64 31.64 3.28
CA ALA B 231 -1.30 31.59 2.71
C ALA B 231 -0.60 30.28 3.01
N ARG B 232 -0.87 29.72 4.19
CA ARG B 232 -0.26 28.44 4.56
C ARG B 232 -0.73 27.37 3.59
N GLY B 233 -1.98 27.44 3.21
CA GLY B 233 -2.54 26.52 2.24
C GLY B 233 -2.01 26.80 0.84
N LEU B 234 -1.94 28.07 0.44
CA LEU B 234 -1.35 28.41 -0.84
C LEU B 234 0.08 27.87 -0.98
N SER B 236 1.43 25.36 0.72
CA SER B 236 1.35 23.92 0.65
C SER B 236 1.03 23.47 -0.77
N ARG B 237 0.06 24.15 -1.39
CA ARG B 237 -0.32 23.85 -2.77
C ARG B 237 0.86 24.08 -3.72
N PHE B 238 1.56 25.19 -3.53
CA PHE B 238 2.71 25.52 -4.35
C PHE B 238 3.76 24.41 -4.30
N ILE B 239 4.01 23.88 -3.10
CA ILE B 239 5.02 22.84 -2.91
C ILE B 239 4.59 21.57 -3.65
N ILE B 240 3.33 21.19 -3.45
CA ILE B 240 2.77 19.99 -4.06
C ILE B 240 2.72 20.09 -5.58
N GLU B 241 2.12 21.17 -6.09
CA GLU B 241 1.92 21.34 -7.54
C GLU B 241 3.24 21.29 -8.30
N ASN B 242 4.26 21.88 -7.71
CA ASN B 242 5.59 21.94 -8.31
C ASN B 242 6.55 20.83 -7.87
N ARG B 243 6.06 19.90 -7.08
CA ARG B 243 6.84 18.73 -6.66
C ARG B 243 8.17 19.13 -6.04
N LEU B 244 8.15 20.17 -5.22
CA LEU B 244 9.38 20.68 -4.59
C LEU B 244 9.85 19.75 -3.49
N THR B 245 11.16 19.61 -3.34
CA THR B 245 11.72 18.73 -2.31
C THR B 245 12.95 19.33 -1.63
N LYS B 246 13.29 20.58 -1.98
CA LYS B 246 14.41 21.27 -1.37
C LYS B 246 13.99 22.62 -0.81
N PRO B 247 14.46 22.96 0.40
CA PRO B 247 14.04 24.20 1.06
C PRO B 247 14.21 25.45 0.23
N GLU B 248 15.30 25.52 -0.53
CA GLU B 248 15.59 26.68 -1.35
C GLU B 248 14.47 26.97 -2.35
N GLN B 249 13.80 25.91 -2.79
CA GLN B 249 12.76 26.05 -3.80
C GLN B 249 11.53 26.79 -3.23
N LEU B 250 11.37 26.77 -1.92
CA LEU B 250 10.22 27.45 -1.32
C LEU B 250 10.30 28.98 -1.50
N THR B 251 11.49 29.53 -1.72
CA THR B 251 11.63 30.97 -1.85
C THR B 251 11.00 31.51 -3.13
N GLY B 252 10.65 30.60 -4.04
CA GLY B 252 9.94 30.94 -5.25
C GLY B 252 8.48 31.25 -5.05
N PHE B 253 7.94 30.95 -3.89
CA PHE B 253 6.51 31.14 -3.66
C PHE B 253 6.10 32.59 -3.90
N ASN B 254 5.06 32.77 -4.71
CA ASN B 254 4.62 34.10 -5.08
C ASN B 254 3.13 34.21 -5.34
N SER B 255 2.35 33.29 -4.79
CA SER B 255 0.92 33.25 -5.06
C SER B 255 0.21 34.45 -4.43
N GLU B 256 -0.74 35.00 -5.19
CA GLU B 256 -1.64 36.05 -4.72
C GLU B 256 -0.92 37.24 -4.09
N GLY B 257 0.25 37.57 -4.63
CA GLY B 257 0.95 38.79 -4.27
C GLY B 257 2.04 38.65 -3.22
N TYR B 258 2.21 37.46 -2.64
CA TYR B 258 3.29 37.28 -1.66
C TYR B 258 4.64 37.30 -2.37
N PHE B 259 5.67 37.82 -1.68
CA PHE B 259 7.04 37.70 -2.18
C PHE B 259 7.99 37.39 -1.04
N PHE B 260 9.04 36.64 -1.35
CA PHE B 260 10.05 36.26 -0.36
C PHE B 260 10.87 37.46 0.08
N ASP B 261 11.04 37.59 1.40
CA ASP B 261 11.90 38.63 1.99
C ASP B 261 13.10 37.98 2.66
N GLU B 262 14.18 37.85 1.90
CA GLU B 262 15.42 37.29 2.40
C GLU B 262 15.97 38.02 3.63
N ASP B 263 15.82 39.34 3.66
CA ASP B 263 16.44 40.13 4.70
C ASP B 263 15.76 39.95 6.06
N SER B 264 14.48 39.57 6.06
CA SER B 264 13.74 39.30 7.29
C SER B 264 13.83 37.82 7.71
N SER B 265 14.43 37.00 6.86
CA SER B 265 14.44 35.57 7.07
C SER B 265 15.70 35.16 7.84
N SER B 266 15.53 34.37 8.89
CA SER B 266 16.68 33.82 9.57
C SER B 266 16.22 32.72 10.49
N ASN B 267 17.18 31.94 10.97
CA ASN B 267 16.96 30.96 12.02
C ASN B 267 15.70 30.12 11.80
N GLY B 268 15.64 29.44 10.64
CA GLY B 268 14.55 28.51 10.39
C GLY B 268 13.22 29.17 10.11
N GLU B 269 13.26 30.44 9.72
CA GLU B 269 12.06 31.14 9.25
C GLU B 269 12.26 31.65 7.85
N LEU B 270 11.29 31.38 6.98
CA LEU B 270 11.24 32.01 5.68
C LEU B 270 10.09 33.00 5.64
N VAL B 271 10.42 34.27 5.53
CA VAL B 271 9.40 35.31 5.59
C VAL B 271 8.95 35.74 4.23
N PHE B 272 7.63 35.77 4.05
CA PHE B 272 7.02 36.26 2.83
C PHE B 272 6.12 37.43 3.17
N LYS B 273 6.18 38.47 2.34
CA LYS B 273 5.45 39.70 2.59
C LYS B 273 4.49 39.96 1.46
N ARG B 274 3.44 40.72 1.77
CA ARG B 274 2.49 41.11 0.74
C ARG B 274 2.02 42.54 1.01
N TYR B 275 2.17 43.38 -0.01
CA TYR B 275 1.75 44.75 0.07
C TYR B 275 0.22 44.83 0.01
N GLU B 276 -0.32 45.82 0.69
CA GLU B 276 -1.75 46.09 0.68
C GLU B 276 -2.23 46.60 -0.68
#